data_9GFL
#
_entry.id   9GFL
#
_cell.length_a   127.171
_cell.length_b   59.615
_cell.length_c   62.692
_cell.angle_alpha   90
_cell.angle_beta   94.62
_cell.angle_gamma   90
#
_symmetry.space_group_name_H-M   'C 1 2 1'
#
loop_
_entity.id
_entity.type
_entity.pdbx_description
1 polymer 'Fab fragment heavy chain'
2 polymer 'Fab fragment light chain'
3 non-polymer 1,2-ETHANEDIOL
4 non-polymer '4-(2-HYDROXYETHYL)-1-PIPERAZINE ETHANESULFONIC ACID'
5 non-polymer 'SODIUM ION'
6 water water
#
loop_
_entity_poly.entity_id
_entity_poly.type
_entity_poly.pdbx_seq_one_letter_code
_entity_poly.pdbx_strand_id
1 'polypeptide(L)'
;(PCA)VQLQQSGAELVRPGTSVKVSCKASGYAFTNYLIEWIKQRPGQGLEWIGVINPGSGGTNYNEKFRVKATLTADKSS
STAYMQLSSLTSDDSAVYFCARGGGYYWGQGTLVTVSAASTKGPSVFPLAPSSKSTSGGTAALGCLVKDYFPEPVTVSWN
SGALTSGVHTFPAVLQSSGLYSLSSVVTVPSSSLGTQTYICNVNHKPSNTKVDKKVEPKSCGGGGSEPEA
;
H
2 'polypeptide(L)'
;DIVMTQAAPSVPVTPGESVSISCRSSKSLLHSNGNTYLFWFLQRPGQSPQVLIYRMSNLASGVPDRFSGSGSGTAFTLRI
SRVEAEDVGVYYCMQHLEYPYTFGSGTRLEIKRTVAAPSVFIFPPSDEQLKSGTASVVCLLNNFYPREAKVQWKVDNALQ
SGNSQESVTEQDSKDSTYSLSSTLTLSKADYEKHKVYACEVTHQGLSSPVTKSFNRGEC
;
L
#
loop_
_chem_comp.id
_chem_comp.type
_chem_comp.name
_chem_comp.formula
EDO non-polymer 1,2-ETHANEDIOL 'C2 H6 O2'
EPE non-polymer '4-(2-HYDROXYETHYL)-1-PIPERAZINE ETHANESULFONIC ACID' 'C8 H18 N2 O4 S'
NA non-polymer 'SODIUM ION' 'Na 1'
#
# COMPACT_ATOMS: atom_id res chain seq x y z
N PCA A 1 -8.07 -21.52 15.41
CA PCA A 1 -7.64 -20.32 14.72
CB PCA A 1 -6.12 -20.34 14.52
CG PCA A 1 -5.70 -21.61 15.33
CD PCA A 1 -7.02 -22.21 15.85
OE PCA A 1 -7.12 -23.20 16.56
C PCA A 1 -8.48 -20.10 13.46
O PCA A 1 -8.46 -20.92 12.54
N VAL A 2 -9.26 -19.02 13.49
CA VAL A 2 -10.16 -18.61 12.42
C VAL A 2 -9.41 -18.01 11.22
N GLN A 3 -9.91 -18.31 10.01
CA GLN A 3 -9.37 -17.77 8.78
C GLN A 3 -10.49 -17.54 7.76
N LEU A 4 -10.45 -16.42 7.03
CA LEU A 4 -11.36 -16.13 5.93
C LEU A 4 -10.44 -16.03 4.74
N GLN A 5 -10.42 -17.07 3.89
CA GLN A 5 -9.53 -17.13 2.74
C GLN A 5 -10.27 -16.66 1.49
N GLN A 6 -9.83 -15.55 0.92
CA GLN A 6 -10.41 -15.03 -0.30
C GLN A 6 -9.72 -15.54 -1.57
N SER A 7 -10.47 -15.57 -2.68
CA SER A 7 -9.94 -16.00 -3.98
C SER A 7 -8.85 -15.04 -4.48
N GLY A 8 -8.04 -15.50 -5.42
CA GLY A 8 -6.94 -14.70 -5.93
C GLY A 8 -7.32 -13.51 -6.80
N ALA A 9 -6.31 -12.69 -7.14
CA ALA A 9 -6.49 -11.50 -7.98
C ALA A 9 -7.06 -11.79 -9.34
N GLU A 10 -7.89 -10.88 -9.83
CA GLU A 10 -8.58 -11.02 -11.10
C GLU A 10 -8.27 -9.85 -11.99
N LEU A 11 -8.01 -10.11 -13.29
CA LEU A 11 -7.87 -9.13 -14.38
C LEU A 11 -9.03 -9.48 -15.28
N VAL A 12 -10.02 -8.58 -15.31
CA VAL A 12 -11.29 -8.80 -16.00
C VAL A 12 -11.64 -7.66 -16.95
N ARG A 13 -12.28 -7.99 -18.09
CA ARG A 13 -12.62 -6.99 -19.09
C ARG A 13 -13.83 -6.10 -18.76
N PRO A 14 -13.81 -4.84 -19.23
CA PRO A 14 -14.98 -3.95 -19.04
C PRO A 14 -16.24 -4.55 -19.69
N GLY A 15 -17.35 -4.40 -18.99
CA GLY A 15 -18.67 -4.88 -19.41
C GLY A 15 -18.96 -6.31 -18.95
N THR A 16 -17.97 -7.01 -18.39
CA THR A 16 -18.14 -8.40 -17.98
C THR A 16 -18.51 -8.48 -16.48
N SER A 17 -18.56 -9.70 -15.92
CA SER A 17 -18.85 -9.92 -14.51
CA SER A 17 -18.87 -9.95 -14.52
C SER A 17 -17.69 -10.68 -13.86
N VAL A 18 -17.53 -10.52 -12.57
CA VAL A 18 -16.49 -11.21 -11.81
C VAL A 18 -17.15 -11.72 -10.52
N LYS A 19 -16.78 -12.91 -10.05
CA LYS A 19 -17.32 -13.47 -8.83
C LYS A 19 -16.16 -13.84 -7.88
N VAL A 20 -16.08 -13.17 -6.74
CA VAL A 20 -15.02 -13.40 -5.76
C VAL A 20 -15.56 -14.26 -4.60
N SER A 21 -14.70 -15.08 -4.01
CA SER A 21 -15.12 -15.97 -2.93
C SER A 21 -14.37 -15.69 -1.61
N CYS A 22 -14.99 -16.08 -0.52
CA CYS A 22 -14.49 -15.91 0.82
C CYS A 22 -14.76 -17.23 1.56
N LYS A 23 -13.73 -18.03 1.75
CA LYS A 23 -13.89 -19.34 2.41
C LYS A 23 -13.53 -19.32 3.88
N ALA A 24 -14.50 -19.64 4.73
CA ALA A 24 -14.35 -19.66 6.16
C ALA A 24 -13.82 -20.99 6.73
N SER A 25 -12.99 -20.90 7.79
CA SER A 25 -12.42 -22.05 8.49
C SER A 25 -12.08 -21.67 9.94
N GLY A 26 -12.10 -22.66 10.82
CA GLY A 26 -11.81 -22.44 12.23
C GLY A 26 -13.01 -22.04 13.08
N TYR A 27 -14.24 -22.04 12.49
CA TYR A 27 -15.48 -21.71 13.20
C TYR A 27 -16.73 -22.20 12.45
N ALA A 28 -17.93 -22.12 13.07
CA ALA A 28 -19.18 -22.55 12.47
C ALA A 28 -19.70 -21.51 11.50
N PHE A 29 -19.42 -21.68 10.20
CA PHE A 29 -19.78 -20.75 9.12
C PHE A 29 -21.20 -20.17 9.19
N THR A 30 -22.21 -21.01 9.39
CA THR A 30 -23.61 -20.57 9.38
C THR A 30 -24.06 -19.78 10.61
N ASN A 31 -23.19 -19.59 11.63
CA ASN A 31 -23.60 -18.84 12.84
C ASN A 31 -23.29 -17.32 12.79
N TYR A 32 -22.54 -16.87 11.77
CA TYR A 32 -22.16 -15.45 11.69
C TYR A 32 -22.31 -14.83 10.31
N LEU A 33 -22.65 -13.52 10.28
CA LEU A 33 -22.81 -12.72 9.05
C LEU A 33 -21.50 -12.51 8.33
N ILE A 34 -21.58 -12.24 7.02
CA ILE A 34 -20.42 -11.92 6.19
C ILE A 34 -20.71 -10.60 5.49
N GLU A 35 -19.81 -9.64 5.67
CA GLU A 35 -19.90 -8.31 5.07
C GLU A 35 -18.83 -8.12 4.00
N TRP A 36 -19.09 -7.29 3.02
CA TRP A 36 -18.16 -7.02 1.94
C TRP A 36 -17.83 -5.54 1.90
N ILE A 37 -16.57 -5.25 1.82
CA ILE A 37 -16.02 -3.89 1.85
C ILE A 37 -15.19 -3.66 0.59
N LYS A 38 -15.28 -2.47 0.00
CA LYS A 38 -14.50 -2.07 -1.17
C LYS A 38 -13.42 -1.01 -0.78
N GLN A 39 -12.20 -1.16 -1.32
CA GLN A 39 -11.16 -0.16 -1.12
C GLN A 39 -10.47 0.14 -2.43
N ARG A 40 -10.75 1.32 -2.99
CA ARG A 40 -10.07 1.80 -4.20
C ARG A 40 -8.59 2.06 -3.84
N PRO A 41 -7.69 1.95 -4.83
CA PRO A 41 -6.27 2.19 -4.55
C PRO A 41 -5.98 3.57 -3.98
N GLY A 42 -5.28 3.60 -2.85
CA GLY A 42 -4.94 4.85 -2.18
C GLY A 42 -6.12 5.57 -1.55
N GLN A 43 -7.33 4.92 -1.50
CA GLN A 43 -8.54 5.54 -0.95
C GLN A 43 -9.06 4.83 0.33
N GLY A 44 -10.21 5.27 0.86
CA GLY A 44 -10.77 4.72 2.09
C GLY A 44 -11.60 3.48 1.89
N LEU A 45 -12.38 3.11 2.91
CA LEU A 45 -13.20 1.91 2.90
C LEU A 45 -14.65 2.27 2.60
N GLU A 46 -15.32 1.43 1.80
CA GLU A 46 -16.76 1.59 1.49
C GLU A 46 -17.48 0.30 1.81
N TRP A 47 -18.65 0.37 2.45
CA TRP A 47 -19.43 -0.81 2.79
C TRP A 47 -20.36 -1.21 1.62
N ILE A 48 -20.29 -2.45 1.17
CA ILE A 48 -21.11 -2.92 0.04
C ILE A 48 -22.43 -3.56 0.51
N GLY A 49 -22.34 -4.45 1.49
CA GLY A 49 -23.50 -5.15 1.98
C GLY A 49 -23.16 -6.31 2.88
N VAL A 50 -24.19 -7.08 3.24
CA VAL A 50 -24.02 -8.16 4.20
C VAL A 50 -24.95 -9.33 3.86
N ILE A 51 -24.53 -10.54 4.23
CA ILE A 51 -25.36 -11.72 4.05
C ILE A 51 -25.34 -12.57 5.32
N ASN A 52 -26.47 -13.22 5.62
CA ASN A 52 -26.56 -14.15 6.73
C ASN A 52 -26.45 -15.52 6.08
N PRO A 53 -25.32 -16.22 6.21
CA PRO A 53 -25.16 -17.52 5.54
C PRO A 53 -26.15 -18.60 5.99
N GLY A 54 -26.63 -18.49 7.23
CA GLY A 54 -27.57 -19.43 7.80
C GLY A 54 -29.02 -19.22 7.39
N SER A 55 -29.32 -18.17 6.62
CA SER A 55 -30.69 -17.93 6.16
C SER A 55 -30.78 -17.53 4.67
N GLY A 56 -29.70 -16.97 4.14
CA GLY A 56 -29.65 -16.47 2.77
C GLY A 56 -30.06 -15.01 2.64
N GLY A 57 -30.43 -14.38 3.75
CA GLY A 57 -30.87 -12.99 3.79
C GLY A 57 -29.75 -12.01 3.53
N THR A 58 -30.07 -10.90 2.84
CA THR A 58 -29.08 -9.88 2.49
C THR A 58 -29.60 -8.44 2.66
N ASN A 59 -28.67 -7.49 2.79
CA ASN A 59 -28.94 -6.06 2.77
C ASN A 59 -27.80 -5.43 1.99
N TYR A 60 -28.13 -4.48 1.12
CA TYR A 60 -27.14 -3.82 0.31
C TYR A 60 -27.16 -2.36 0.53
N ASN A 61 -25.98 -1.75 0.35
CA ASN A 61 -25.80 -0.33 0.26
C ASN A 61 -26.46 0.03 -1.11
N GLU A 62 -27.31 1.06 -1.16
CA GLU A 62 -28.00 1.42 -2.42
C GLU A 62 -27.03 1.67 -3.56
N LYS A 63 -25.85 2.22 -3.26
CA LYS A 63 -24.86 2.47 -4.30
C LYS A 63 -24.41 1.17 -5.00
N PHE A 64 -24.53 0.02 -4.33
CA PHE A 64 -24.13 -1.28 -4.90
C PHE A 64 -25.28 -2.22 -5.22
N ARG A 65 -26.53 -1.77 -5.08
CA ARG A 65 -27.70 -2.59 -5.33
C ARG A 65 -27.74 -3.15 -6.77
N VAL A 66 -27.45 -2.30 -7.76
CA VAL A 66 -27.47 -2.73 -9.16
C VAL A 66 -26.26 -3.63 -9.52
N LYS A 67 -25.07 -3.19 -9.13
CA LYS A 67 -23.75 -3.79 -9.37
C LYS A 67 -23.45 -5.14 -8.67
N ALA A 68 -23.82 -5.29 -7.40
CA ALA A 68 -23.42 -6.45 -6.59
C ALA A 68 -24.53 -7.45 -6.28
N THR A 69 -24.16 -8.74 -6.14
CA THR A 69 -25.03 -9.84 -5.74
C THR A 69 -24.28 -10.73 -4.74
N LEU A 70 -24.80 -10.84 -3.52
CA LEU A 70 -24.20 -11.63 -2.45
C LEU A 70 -24.87 -12.98 -2.31
N THR A 71 -24.07 -14.06 -2.32
CA THR A 71 -24.58 -15.41 -2.13
C THR A 71 -23.70 -16.16 -1.11
N ALA A 72 -24.17 -17.33 -0.64
CA ALA A 72 -23.40 -18.16 0.29
C ALA A 72 -23.75 -19.64 0.05
N ASP A 73 -22.74 -20.52 0.08
CA ASP A 73 -22.93 -21.95 -0.08
C ASP A 73 -22.63 -22.62 1.26
N LYS A 74 -23.69 -23.06 1.97
CA LYS A 74 -23.55 -23.69 3.29
C LYS A 74 -22.69 -24.96 3.26
N SER A 75 -22.71 -25.70 2.13
CA SER A 75 -21.95 -26.94 2.01
C SER A 75 -20.42 -26.72 1.97
N SER A 76 -19.95 -25.65 1.29
CA SER A 76 -18.50 -25.43 1.18
C SER A 76 -17.95 -24.33 2.09
N SER A 77 -18.78 -23.77 2.99
CA SER A 77 -18.37 -22.72 3.94
C SER A 77 -17.79 -21.51 3.18
N THR A 78 -18.46 -21.13 2.09
CA THR A 78 -18.00 -20.05 1.24
C THR A 78 -19.07 -19.01 0.97
N ALA A 79 -18.66 -17.72 1.02
CA ALA A 79 -19.51 -16.59 0.67
C ALA A 79 -18.98 -16.07 -0.69
N TYR A 80 -19.85 -15.59 -1.54
CA TYR A 80 -19.46 -15.10 -2.86
C TYR A 80 -20.03 -13.72 -3.09
N MET A 81 -19.28 -12.90 -3.81
CA MET A 81 -19.78 -11.60 -4.22
C MET A 81 -19.56 -11.50 -5.72
N GLN A 82 -20.61 -11.25 -6.46
CA GLN A 82 -20.53 -11.10 -7.90
C GLN A 82 -20.77 -9.64 -8.27
N LEU A 83 -19.88 -9.05 -9.11
CA LEU A 83 -20.04 -7.68 -9.57
C LEU A 83 -20.28 -7.68 -11.06
N SER A 84 -21.35 -7.03 -11.53
CA SER A 84 -21.69 -7.04 -12.96
C SER A 84 -21.37 -5.71 -13.66
N SER A 85 -21.45 -5.68 -15.01
CA SER A 85 -21.25 -4.50 -15.88
C SER A 85 -19.98 -3.75 -15.46
N LEU A 86 -18.85 -4.46 -15.40
CA LEU A 86 -17.62 -3.89 -14.84
C LEU A 86 -17.06 -2.68 -15.56
N THR A 87 -16.62 -1.69 -14.79
CA THR A 87 -15.97 -0.49 -15.30
C THR A 87 -14.65 -0.27 -14.51
N SER A 88 -13.81 0.68 -14.94
CA SER A 88 -12.56 1.01 -14.23
C SER A 88 -12.83 1.49 -12.78
N ASP A 89 -14.01 2.04 -12.50
CA ASP A 89 -14.43 2.43 -11.16
C ASP A 89 -14.56 1.21 -10.21
N ASP A 90 -14.68 0.01 -10.77
CA ASP A 90 -14.77 -1.21 -9.98
C ASP A 90 -13.37 -1.76 -9.66
N SER A 91 -12.31 -1.22 -10.26
CA SER A 91 -10.94 -1.66 -9.93
C SER A 91 -10.63 -1.30 -8.47
N ALA A 92 -10.42 -2.30 -7.61
CA ALA A 92 -10.24 -2.05 -6.18
C ALA A 92 -9.84 -3.38 -5.47
N VAL A 93 -9.53 -3.31 -4.17
CA VAL A 93 -9.38 -4.48 -3.33
C VAL A 93 -10.71 -4.67 -2.62
N TYR A 94 -11.26 -5.89 -2.65
CA TYR A 94 -12.51 -6.21 -2.01
C TYR A 94 -12.22 -7.14 -0.84
N PHE A 95 -12.71 -6.81 0.35
CA PHE A 95 -12.52 -7.63 1.54
C PHE A 95 -13.83 -8.26 1.98
N CYS A 96 -13.77 -9.48 2.51
CA CYS A 96 -14.91 -10.06 3.20
C CYS A 96 -14.53 -9.92 4.70
N ALA A 97 -15.52 -9.82 5.56
CA ALA A 97 -15.31 -9.71 6.99
C ALA A 97 -16.46 -10.39 7.69
N ARG A 98 -16.15 -11.10 8.77
CA ARG A 98 -17.18 -11.74 9.55
C ARG A 98 -17.75 -10.66 10.48
N GLY A 99 -19.07 -10.67 10.65
CA GLY A 99 -19.78 -9.77 11.55
C GLY A 99 -19.14 -9.65 12.93
N GLY A 100 -18.97 -8.42 13.40
CA GLY A 100 -18.26 -8.18 14.65
C GLY A 100 -16.97 -7.40 14.49
N GLY A 101 -16.45 -7.32 13.26
CA GLY A 101 -15.27 -6.56 12.93
C GLY A 101 -13.90 -7.11 13.23
N TYR A 102 -13.83 -8.27 13.93
CA TYR A 102 -12.55 -8.86 14.32
C TYR A 102 -11.85 -9.64 13.20
N TYR A 103 -12.60 -10.49 12.49
CA TYR A 103 -12.07 -11.38 11.46
C TYR A 103 -12.29 -10.89 10.04
N TRP A 104 -11.18 -10.64 9.34
CA TRP A 104 -11.20 -10.17 7.97
C TRP A 104 -10.44 -11.12 7.04
N GLY A 105 -10.90 -11.16 5.79
CA GLY A 105 -10.19 -11.82 4.71
C GLY A 105 -8.99 -10.98 4.32
N GLN A 106 -8.11 -11.54 3.52
CA GLN A 106 -6.89 -10.87 3.08
C GLN A 106 -7.08 -9.89 1.92
N GLY A 107 -8.27 -9.84 1.33
CA GLY A 107 -8.57 -8.99 0.20
C GLY A 107 -8.35 -9.68 -1.12
N THR A 108 -9.10 -9.25 -2.14
CA THR A 108 -8.94 -9.74 -3.50
C THR A 108 -8.80 -8.51 -4.40
N LEU A 109 -7.69 -8.39 -5.11
CA LEU A 109 -7.50 -7.30 -6.04
C LEU A 109 -8.28 -7.61 -7.35
N VAL A 110 -9.08 -6.64 -7.81
CA VAL A 110 -9.80 -6.75 -9.07
C VAL A 110 -9.31 -5.62 -9.95
N THR A 111 -8.79 -5.92 -11.13
CA THR A 111 -8.39 -4.88 -12.09
C THR A 111 -9.29 -5.02 -13.27
N VAL A 112 -10.03 -3.95 -13.62
CA VAL A 112 -10.90 -3.98 -14.78
C VAL A 112 -10.20 -3.28 -15.91
N SER A 113 -9.83 -4.03 -16.96
CA SER A 113 -9.08 -3.48 -18.07
C SER A 113 -9.17 -4.37 -19.29
N ALA A 114 -9.08 -3.74 -20.45
CA ALA A 114 -9.02 -4.46 -21.74
C ALA A 114 -7.58 -4.72 -22.19
N ALA A 115 -6.57 -4.17 -21.49
CA ALA A 115 -5.18 -4.31 -21.86
C ALA A 115 -4.68 -5.74 -21.63
N SER A 116 -3.69 -6.19 -22.41
CA SER A 116 -3.14 -7.54 -22.30
C SER A 116 -2.17 -7.67 -21.14
N THR A 117 -2.03 -8.90 -20.61
CA THR A 117 -1.04 -9.19 -19.59
C THR A 117 0.34 -9.11 -20.24
N LYS A 118 1.33 -8.56 -19.51
CA LYS A 118 2.68 -8.45 -20.02
C LYS A 118 3.66 -8.59 -18.88
N GLY A 119 4.63 -9.48 -19.07
CA GLY A 119 5.65 -9.71 -18.06
C GLY A 119 6.72 -8.65 -18.11
N PRO A 120 7.35 -8.42 -16.95
CA PRO A 120 8.39 -7.40 -16.88
C PRO A 120 9.77 -7.82 -17.36
N SER A 121 10.62 -6.82 -17.63
CA SER A 121 12.05 -7.01 -17.86
C SER A 121 12.67 -6.56 -16.52
N VAL A 122 13.72 -7.24 -16.07
CA VAL A 122 14.37 -6.94 -14.81
C VAL A 122 15.80 -6.55 -15.07
N PHE A 123 16.21 -5.35 -14.63
CA PHE A 123 17.55 -4.84 -14.84
C PHE A 123 18.25 -4.58 -13.52
N PRO A 124 19.56 -4.80 -13.44
CA PRO A 124 20.26 -4.54 -12.18
C PRO A 124 20.53 -3.05 -11.98
N LEU A 125 20.50 -2.61 -10.73
CA LEU A 125 20.90 -1.27 -10.29
C LEU A 125 22.20 -1.58 -9.55
N ALA A 126 23.28 -1.71 -10.28
CA ALA A 126 24.58 -2.15 -9.74
C ALA A 126 25.20 -1.21 -8.73
N PRO A 127 25.79 -1.76 -7.64
CA PRO A 127 26.45 -0.87 -6.67
C PRO A 127 27.75 -0.29 -7.23
N SER A 128 28.14 0.87 -6.75
CA SER A 128 29.41 1.48 -7.15
C SER A 128 30.53 0.77 -6.40
N GLY A 135 30.62 3.37 4.71
CA GLY A 135 30.82 1.94 4.57
C GLY A 135 29.56 1.17 4.21
N THR A 136 28.59 1.86 3.57
CA THR A 136 27.31 1.29 3.11
C THR A 136 27.21 1.41 1.57
N ALA A 137 26.71 0.36 0.89
CA ALA A 137 26.52 0.39 -0.55
C ALA A 137 25.01 0.26 -0.82
N ALA A 138 24.50 0.92 -1.84
CA ALA A 138 23.11 0.74 -2.27
C ALA A 138 23.13 -0.03 -3.59
N LEU A 139 22.21 -0.99 -3.75
CA LEU A 139 22.04 -1.79 -4.98
C LEU A 139 20.56 -2.11 -5.12
N GLY A 140 20.17 -2.61 -6.26
CA GLY A 140 18.75 -2.89 -6.48
C GLY A 140 18.44 -3.54 -7.79
N CYS A 141 17.15 -3.58 -8.11
CA CYS A 141 16.59 -4.10 -9.34
CA CYS A 141 16.67 -4.09 -9.37
C CYS A 141 15.50 -3.21 -9.86
N LEU A 142 15.51 -2.94 -11.14
CA LEU A 142 14.48 -2.16 -11.81
C LEU A 142 13.60 -3.19 -12.55
N VAL A 143 12.31 -3.23 -12.22
CA VAL A 143 11.32 -4.12 -12.78
C VAL A 143 10.42 -3.28 -13.72
N LYS A 144 10.70 -3.36 -15.01
CA LYS A 144 10.06 -2.50 -15.98
C LYS A 144 9.05 -3.14 -16.92
N ASP A 145 7.98 -2.37 -17.18
CA ASP A 145 7.01 -2.60 -18.20
C ASP A 145 6.18 -3.86 -18.04
N TYR A 146 5.36 -3.92 -16.99
CA TYR A 146 4.51 -5.05 -16.77
C TYR A 146 3.04 -4.59 -16.66
N PHE A 147 2.12 -5.53 -16.77
CA PHE A 147 0.68 -5.28 -16.61
C PHE A 147 -0.02 -6.64 -16.41
N PRO A 148 -0.92 -6.77 -15.44
CA PRO A 148 -1.37 -5.74 -14.48
C PRO A 148 -0.50 -5.76 -13.21
N GLU A 149 -0.92 -5.04 -12.15
CA GLU A 149 -0.29 -5.21 -10.85
C GLU A 149 -0.84 -6.53 -10.27
N PRO A 150 -0.17 -7.15 -9.29
CA PRO A 150 1.10 -6.74 -8.65
C PRO A 150 2.38 -7.50 -9.06
N VAL A 151 3.54 -7.00 -8.63
CA VAL A 151 4.85 -7.64 -8.74
C VAL A 151 5.29 -7.76 -7.28
N THR A 152 5.90 -8.90 -6.92
CA THR A 152 6.46 -9.03 -5.60
C THR A 152 7.98 -9.17 -5.78
N VAL A 153 8.72 -8.65 -4.81
CA VAL A 153 10.18 -8.74 -4.86
C VAL A 153 10.68 -9.21 -3.53
N SER A 154 11.57 -10.19 -3.53
CA SER A 154 12.29 -10.58 -2.32
C SER A 154 13.79 -10.53 -2.64
N TRP A 155 14.67 -10.61 -1.63
CA TRP A 155 16.11 -10.62 -1.85
C TRP A 155 16.68 -11.86 -1.22
N ASN A 156 17.53 -12.57 -1.98
CA ASN A 156 18.19 -13.78 -1.51
C ASN A 156 17.21 -14.82 -0.99
N SER A 157 16.09 -14.97 -1.72
CA SER A 157 15.03 -15.91 -1.43
C SER A 157 14.38 -15.71 -0.04
N GLY A 158 14.32 -14.46 0.40
CA GLY A 158 13.78 -14.08 1.71
C GLY A 158 14.79 -13.99 2.84
N ALA A 159 16.05 -14.41 2.60
CA ALA A 159 17.09 -14.34 3.64
C ALA A 159 17.52 -12.89 3.92
N LEU A 160 17.36 -11.98 2.95
CA LEU A 160 17.76 -10.59 3.10
C LEU A 160 16.52 -9.70 3.20
N THR A 161 16.25 -9.13 4.39
CA THR A 161 15.08 -8.27 4.62
C THR A 161 15.45 -6.91 5.23
N SER A 162 16.55 -6.85 5.99
CA SER A 162 17.00 -5.60 6.60
CA SER A 162 17.01 -5.61 6.60
C SER A 162 17.53 -4.67 5.51
N GLY A 163 17.09 -3.43 5.54
CA GLY A 163 17.52 -2.40 4.60
C GLY A 163 16.91 -2.39 3.22
N VAL A 164 15.91 -3.25 3.01
CA VAL A 164 15.23 -3.37 1.73
C VAL A 164 14.13 -2.35 1.63
N HIS A 165 14.04 -1.62 0.51
CA HIS A 165 12.87 -0.80 0.23
C HIS A 165 12.33 -1.21 -1.15
N THR A 166 11.08 -1.70 -1.22
CA THR A 166 10.50 -2.03 -2.52
C THR A 166 9.46 -0.96 -2.76
N PHE A 167 9.68 -0.13 -3.76
CA PHE A 167 8.86 1.06 -3.96
C PHE A 167 7.51 0.71 -4.56
N PRO A 168 6.45 1.48 -4.23
CA PRO A 168 5.17 1.28 -4.93
C PRO A 168 5.36 1.45 -6.45
N ALA A 169 4.68 0.64 -7.26
CA ALA A 169 4.81 0.74 -8.71
C ALA A 169 4.24 2.08 -9.18
N VAL A 170 4.74 2.54 -10.34
CA VAL A 170 4.22 3.72 -10.97
C VAL A 170 3.63 3.31 -12.33
N LEU A 171 2.58 4.00 -12.78
CA LEU A 171 1.99 3.76 -14.08
C LEU A 171 2.66 4.69 -15.09
N GLN A 172 3.35 4.12 -16.09
CA GLN A 172 4.04 4.92 -17.10
C GLN A 172 3.07 5.41 -18.16
N SER A 173 3.51 6.39 -18.97
CA SER A 173 2.68 6.92 -20.06
C SER A 173 2.24 5.84 -21.03
N SER A 174 3.05 4.77 -21.20
CA SER A 174 2.72 3.62 -22.06
C SER A 174 1.52 2.78 -21.57
N GLY A 175 1.06 3.00 -20.34
CA GLY A 175 0.03 2.18 -19.76
C GLY A 175 0.59 0.95 -19.06
N LEU A 176 1.94 0.81 -19.03
CA LEU A 176 2.60 -0.30 -18.33
C LEU A 176 3.18 0.23 -17.01
N TYR A 177 3.25 -0.65 -16.00
CA TYR A 177 3.81 -0.33 -14.70
C TYR A 177 5.30 -0.60 -14.61
N SER A 178 5.94 0.06 -13.66
CA SER A 178 7.36 -0.19 -13.38
C SER A 178 7.59 0.03 -11.88
N LEU A 179 8.54 -0.69 -11.30
CA LEU A 179 8.90 -0.47 -9.91
C LEU A 179 10.37 -0.74 -9.71
N SER A 180 10.92 -0.27 -8.61
CA SER A 180 12.30 -0.60 -8.24
C SER A 180 12.25 -1.16 -6.84
N SER A 181 13.25 -1.98 -6.50
CA SER A 181 13.46 -2.43 -5.15
C SER A 181 14.95 -2.24 -4.88
N VAL A 182 15.27 -1.60 -3.77
CA VAL A 182 16.67 -1.37 -3.42
C VAL A 182 17.01 -1.98 -2.06
N VAL A 183 18.30 -2.12 -1.77
CA VAL A 183 18.75 -2.60 -0.49
C VAL A 183 20.10 -1.96 -0.21
N THR A 184 20.32 -1.55 1.03
CA THR A 184 21.65 -1.07 1.44
C THR A 184 22.29 -2.17 2.26
N VAL A 185 23.59 -2.39 2.00
CA VAL A 185 24.35 -3.45 2.67
C VAL A 185 25.75 -2.93 2.98
N PRO A 186 26.48 -3.61 3.87
CA PRO A 186 27.90 -3.21 4.10
C PRO A 186 28.71 -3.28 2.80
N SER A 187 29.45 -2.20 2.48
CA SER A 187 30.39 -2.15 1.34
C SER A 187 31.34 -3.35 1.31
N SER A 188 31.82 -3.78 2.50
CA SER A 188 32.74 -4.92 2.66
C SER A 188 32.12 -6.26 2.23
N SER A 189 30.80 -6.33 2.04
CA SER A 189 30.15 -7.56 1.62
C SER A 189 30.07 -7.75 0.11
N LEU A 190 30.33 -6.68 -0.68
CA LEU A 190 30.15 -6.76 -2.13
C LEU A 190 30.99 -7.83 -2.81
N GLY A 191 32.18 -8.13 -2.28
CA GLY A 191 32.99 -9.17 -2.90
C GLY A 191 32.74 -10.59 -2.38
N THR A 192 32.08 -10.74 -1.21
CA THR A 192 31.89 -12.06 -0.61
C THR A 192 30.46 -12.57 -0.64
N GLN A 193 29.47 -11.67 -0.71
CA GLN A 193 28.05 -12.02 -0.67
C GLN A 193 27.36 -11.85 -2.03
N THR A 194 26.69 -12.92 -2.53
CA THR A 194 25.90 -12.79 -3.77
C THR A 194 24.56 -12.15 -3.38
N TYR A 195 24.12 -11.13 -4.15
CA TYR A 195 22.83 -10.46 -3.97
C TYR A 195 21.98 -10.75 -5.18
N ILE A 196 20.78 -11.32 -4.96
CA ILE A 196 19.85 -11.69 -5.98
C ILE A 196 18.47 -11.13 -5.64
N CYS A 197 17.86 -10.48 -6.61
CA CYS A 197 16.47 -10.02 -6.42
CA CYS A 197 16.53 -9.93 -6.54
C CYS A 197 15.58 -11.03 -7.09
N ASN A 198 14.60 -11.52 -6.32
CA ASN A 198 13.68 -12.53 -6.80
C ASN A 198 12.39 -11.81 -7.18
N VAL A 199 12.13 -11.70 -8.47
CA VAL A 199 10.96 -10.98 -9.01
C VAL A 199 9.90 -11.95 -9.45
N ASN A 200 8.65 -11.73 -9.00
CA ASN A 200 7.56 -12.58 -9.41
C ASN A 200 6.38 -11.75 -9.90
N HIS A 201 5.97 -11.98 -11.15
CA HIS A 201 4.80 -11.36 -11.73
C HIS A 201 3.86 -12.52 -12.09
N LYS A 202 3.03 -12.93 -11.11
CA LYS A 202 2.05 -14.02 -11.21
C LYS A 202 1.14 -13.92 -12.43
N PRO A 203 0.59 -12.74 -12.79
CA PRO A 203 -0.30 -12.68 -13.95
C PRO A 203 0.29 -13.17 -15.26
N SER A 204 1.59 -13.00 -15.47
CA SER A 204 2.25 -13.48 -16.68
C SER A 204 3.17 -14.67 -16.44
N ASN A 205 3.11 -15.31 -15.24
CA ASN A 205 3.98 -16.41 -14.83
C ASN A 205 5.48 -16.06 -14.95
N THR A 206 5.85 -14.79 -14.73
CA THR A 206 7.25 -14.39 -14.85
C THR A 206 7.93 -14.54 -13.51
N LYS A 207 9.07 -15.24 -13.49
CA LYS A 207 9.85 -15.42 -12.30
C LYS A 207 11.26 -15.18 -12.74
N VAL A 208 11.88 -14.09 -12.27
CA VAL A 208 13.28 -13.80 -12.63
C VAL A 208 14.07 -13.72 -11.36
N ASP A 209 15.26 -14.33 -11.31
CA ASP A 209 16.15 -14.22 -10.17
C ASP A 209 17.42 -13.54 -10.69
N LYS A 210 17.48 -12.19 -10.58
CA LYS A 210 18.58 -11.42 -11.11
C LYS A 210 19.72 -11.23 -10.13
N LYS A 211 20.92 -11.68 -10.50
CA LYS A 211 22.11 -11.45 -9.68
C LYS A 211 22.55 -9.99 -9.91
N VAL A 212 22.80 -9.23 -8.84
CA VAL A 212 23.22 -7.85 -8.97
C VAL A 212 24.68 -7.73 -8.57
N GLU A 213 25.55 -7.59 -9.55
CA GLU A 213 26.99 -7.55 -9.33
C GLU A 213 27.57 -6.15 -9.30
N PRO A 214 28.65 -5.87 -8.54
CA PRO A 214 29.32 -4.57 -8.69
C PRO A 214 29.95 -4.48 -10.09
N LYS A 215 29.85 -3.33 -10.76
CA LYS A 215 30.38 -3.20 -12.12
C LYS A 215 31.74 -2.47 -12.09
N ASP B 1 -28.49 8.29 4.66
CA ASP B 1 -27.46 7.54 5.35
C ASP B 1 -26.86 8.34 6.53
N ILE B 2 -26.10 7.66 7.40
CA ILE B 2 -25.42 8.36 8.49
C ILE B 2 -24.02 8.72 7.97
N VAL B 3 -23.66 10.01 8.03
CA VAL B 3 -22.40 10.51 7.53
C VAL B 3 -21.40 10.52 8.65
N MET B 4 -20.23 9.90 8.43
CA MET B 4 -19.15 9.88 9.42
C MET B 4 -18.06 10.79 8.94
N THR B 5 -17.67 11.76 9.79
CA THR B 5 -16.67 12.73 9.39
C THR B 5 -15.40 12.59 10.27
N GLN B 6 -14.24 12.54 9.65
CA GLN B 6 -12.97 12.56 10.36
C GLN B 6 -12.28 13.85 9.92
N ALA B 7 -12.23 14.86 10.80
CA ALA B 7 -11.77 16.20 10.44
C ALA B 7 -10.28 16.32 10.06
N ALA B 8 -9.43 15.46 10.62
CA ALA B 8 -8.01 15.53 10.35
C ALA B 8 -7.57 14.39 9.42
N PRO B 9 -7.06 14.68 8.22
CA PRO B 9 -6.59 13.58 7.34
C PRO B 9 -5.29 12.92 7.86
N SER B 10 -4.54 13.62 8.67
CA SER B 10 -3.30 13.14 9.29
C SER B 10 -3.05 13.87 10.57
N VAL B 11 -2.32 13.25 11.50
CA VAL B 11 -1.98 13.89 12.75
C VAL B 11 -0.54 13.49 13.10
N PRO B 12 0.33 14.47 13.38
CA PRO B 12 1.72 14.14 13.75
C PRO B 12 1.87 13.88 15.26
N VAL B 13 2.76 12.94 15.66
CA VAL B 13 2.93 12.64 17.08
C VAL B 13 4.34 12.19 17.34
N THR B 14 5.02 12.80 18.32
CA THR B 14 6.37 12.39 18.69
C THR B 14 6.25 11.08 19.50
N PRO B 15 7.11 10.04 19.30
CA PRO B 15 6.97 8.82 20.12
C PRO B 15 7.06 9.09 21.63
N GLY B 16 6.24 8.38 22.39
CA GLY B 16 6.13 8.60 23.84
C GLY B 16 5.00 9.53 24.21
N GLU B 17 4.59 10.43 23.29
CA GLU B 17 3.49 11.35 23.56
C GLU B 17 2.16 10.68 23.26
N SER B 18 1.04 11.30 23.68
CA SER B 18 -0.28 10.77 23.38
C SER B 18 -0.90 11.54 22.21
N VAL B 19 -1.89 10.92 21.56
CA VAL B 19 -2.59 11.57 20.47
C VAL B 19 -4.06 11.22 20.51
N SER B 20 -4.89 12.13 20.00
CA SER B 20 -6.34 11.94 19.92
C SER B 20 -6.74 12.00 18.46
N ILE B 21 -7.62 11.08 18.02
CA ILE B 21 -8.16 11.04 16.66
C ILE B 21 -9.67 11.16 16.80
N SER B 22 -10.25 12.16 16.16
CA SER B 22 -11.68 12.52 16.25
C SER B 22 -12.52 11.94 15.13
N CYS B 23 -13.80 11.73 15.42
CA CYS B 23 -14.79 11.29 14.47
C CYS B 23 -16.13 11.91 14.88
N ARG B 24 -16.99 12.22 13.91
CA ARG B 24 -18.29 12.80 14.20
C ARG B 24 -19.33 12.11 13.35
N SER B 25 -20.55 12.03 13.86
CA SER B 25 -21.65 11.41 13.14
C SER B 25 -22.81 12.38 12.91
N SER B 26 -23.51 12.20 11.78
CA SER B 26 -24.65 13.09 11.43
C SER B 26 -25.95 12.72 12.12
N LYS B 27 -25.94 11.65 12.94
CA LYS B 27 -27.03 11.15 13.71
C LYS B 27 -26.43 10.50 14.95
N SER B 28 -27.16 10.55 16.09
CA SER B 28 -26.69 9.88 17.29
C SER B 28 -26.54 8.34 17.02
N LEU B 29 -25.39 7.80 17.40
CA LEU B 29 -25.14 6.35 17.28
C LEU B 29 -25.61 5.56 18.52
N LEU B 30 -26.26 6.25 19.49
CA LEU B 30 -26.78 5.61 20.70
C LEU B 30 -28.06 4.85 20.34
N HIS B 31 -28.10 3.58 20.71
CA HIS B 31 -29.30 2.76 20.51
C HIS B 31 -30.13 2.77 21.81
N SER B 32 -31.44 2.51 21.75
CA SER B 32 -32.28 2.44 22.95
C SER B 32 -31.83 1.30 23.93
N ASN B 33 -31.00 0.37 23.47
CA ASN B 33 -30.42 -0.67 24.34
C ASN B 33 -29.25 -0.11 25.21
N GLY B 34 -28.83 1.12 24.97
CA GLY B 34 -27.78 1.75 25.76
C GLY B 34 -26.39 1.72 25.15
N ASN B 35 -26.18 0.90 24.11
CA ASN B 35 -24.87 0.83 23.46
C ASN B 35 -24.77 1.90 22.38
N THR B 36 -23.56 2.35 22.06
CA THR B 36 -23.31 3.35 21.01
C THR B 36 -22.53 2.60 19.95
N TYR B 37 -23.10 2.46 18.76
CA TYR B 37 -22.55 1.55 17.73
C TYR B 37 -21.50 2.19 16.84
N LEU B 38 -20.28 2.28 17.38
CA LEU B 38 -19.17 2.89 16.69
C LEU B 38 -17.95 2.00 16.83
N PHE B 39 -17.23 1.73 15.74
CA PHE B 39 -15.99 0.93 15.76
C PHE B 39 -14.82 1.87 15.42
N TRP B 40 -13.64 1.55 15.91
CA TRP B 40 -12.41 2.15 15.47
C TRP B 40 -11.60 1.00 14.86
N PHE B 41 -11.08 1.18 13.64
CA PHE B 41 -10.23 0.22 12.95
C PHE B 41 -8.88 0.87 12.66
N LEU B 42 -7.85 0.03 12.61
CA LEU B 42 -6.54 0.43 12.18
C LEU B 42 -6.28 -0.32 10.86
N GLN B 43 -5.69 0.36 9.87
CA GLN B 43 -5.25 -0.33 8.68
C GLN B 43 -3.79 -0.03 8.42
N ARG B 44 -2.93 -1.04 8.50
CA ARG B 44 -1.51 -0.85 8.22
C ARG B 44 -1.27 -1.06 6.71
N PRO B 45 -0.26 -0.40 6.14
CA PRO B 45 -0.01 -0.52 4.69
C PRO B 45 0.14 -1.95 4.19
N GLY B 46 -0.65 -2.29 3.17
CA GLY B 46 -0.68 -3.61 2.57
C GLY B 46 -1.48 -4.65 3.32
N GLN B 47 -2.13 -4.27 4.45
CA GLN B 47 -2.88 -5.24 5.23
C GLN B 47 -4.38 -4.98 5.26
N SER B 48 -5.16 -5.96 5.77
CA SER B 48 -6.58 -5.81 6.00
C SER B 48 -6.80 -4.89 7.24
N PRO B 49 -7.96 -4.23 7.35
CA PRO B 49 -8.25 -3.47 8.59
C PRO B 49 -8.31 -4.40 9.80
N GLN B 50 -8.04 -3.86 10.98
CA GLN B 50 -8.10 -4.60 12.22
C GLN B 50 -8.83 -3.75 13.26
N VAL B 51 -9.71 -4.40 14.03
CA VAL B 51 -10.50 -3.72 15.05
C VAL B 51 -9.65 -3.30 16.27
N LEU B 52 -9.90 -2.08 16.77
CA LEU B 52 -9.23 -1.57 17.96
C LEU B 52 -10.28 -1.43 19.08
N ILE B 53 -11.43 -0.81 18.74
CA ILE B 53 -12.50 -0.49 19.68
C ILE B 53 -13.85 -0.91 19.12
N TYR B 54 -14.71 -1.51 19.96
CA TYR B 54 -16.07 -1.85 19.54
C TYR B 54 -17.07 -1.18 20.49
N ARG B 55 -18.25 -0.83 19.97
CA ARG B 55 -19.30 -0.14 20.74
C ARG B 55 -18.77 1.09 21.47
N MET B 56 -18.03 1.94 20.72
CA MET B 56 -17.49 3.26 21.11
C MET B 56 -16.37 3.25 22.16
N SER B 57 -16.45 2.38 23.20
CA SER B 57 -15.46 2.42 24.29
C SER B 57 -14.87 1.10 24.73
N ASN B 58 -15.20 -0.02 24.07
CA ASN B 58 -14.68 -1.31 24.49
C ASN B 58 -13.43 -1.71 23.75
N LEU B 59 -12.36 -1.99 24.50
CA LEU B 59 -11.12 -2.41 23.88
C LEU B 59 -11.26 -3.83 23.32
N ALA B 60 -10.90 -4.04 22.04
CA ALA B 60 -10.97 -5.36 21.44
C ALA B 60 -9.87 -6.26 22.01
N SER B 61 -10.11 -7.56 21.99
CA SER B 61 -9.15 -8.55 22.49
CA SER B 61 -9.16 -8.55 22.50
C SER B 61 -7.81 -8.43 21.78
N GLY B 62 -6.72 -8.44 22.55
CA GLY B 62 -5.39 -8.36 21.97
C GLY B 62 -4.88 -6.98 21.68
N VAL B 63 -5.73 -5.94 21.89
CA VAL B 63 -5.30 -4.57 21.64
C VAL B 63 -4.65 -4.00 22.90
N PRO B 64 -3.49 -3.34 22.80
CA PRO B 64 -2.84 -2.79 24.01
C PRO B 64 -3.65 -1.76 24.79
N ASP B 65 -3.49 -1.75 26.13
CA ASP B 65 -4.19 -0.83 27.05
C ASP B 65 -3.91 0.66 26.76
N ARG B 66 -2.91 0.95 25.89
CA ARG B 66 -2.62 2.33 25.54
CA ARG B 66 -2.56 2.31 25.46
C ARG B 66 -3.72 2.92 24.64
N PHE B 67 -4.57 2.07 24.01
CA PHE B 67 -5.68 2.51 23.16
C PHE B 67 -6.98 2.60 23.96
N SER B 68 -7.71 3.70 23.80
CA SER B 68 -9.01 3.86 24.46
C SER B 68 -9.95 4.69 23.60
N GLY B 69 -11.24 4.48 23.80
CA GLY B 69 -12.26 5.19 23.06
C GLY B 69 -13.30 5.78 23.98
N SER B 70 -13.83 6.94 23.60
CA SER B 70 -14.90 7.59 24.32
C SER B 70 -15.69 8.47 23.34
N GLY B 71 -16.82 8.99 23.81
CA GLY B 71 -17.63 9.87 22.98
C GLY B 71 -18.96 10.22 23.55
N SER B 72 -19.64 11.11 22.89
CA SER B 72 -20.94 11.64 23.29
C SER B 72 -22.15 11.03 22.63
N GLY B 73 -21.97 10.22 21.59
CA GLY B 73 -23.13 9.77 20.80
C GLY B 73 -23.09 10.34 19.39
N THR B 74 -22.51 11.54 19.22
CA THR B 74 -22.31 12.19 17.93
C THR B 74 -20.85 12.63 17.69
N ALA B 75 -19.99 12.57 18.71
CA ALA B 75 -18.58 13.00 18.58
C ALA B 75 -17.75 11.97 19.35
N PHE B 76 -16.70 11.43 18.74
CA PHE B 76 -15.94 10.31 19.31
C PHE B 76 -14.44 10.57 19.24
N THR B 77 -13.72 9.98 20.18
CA THR B 77 -12.27 10.15 20.21
C THR B 77 -11.60 8.83 20.47
N LEU B 78 -10.63 8.49 19.64
CA LEU B 78 -9.77 7.36 19.87
C LEU B 78 -8.50 8.01 20.45
N ARG B 79 -8.08 7.56 21.62
CA ARG B 79 -6.93 8.10 22.30
C ARG B 79 -5.84 7.06 22.36
N ILE B 80 -4.61 7.42 21.98
CA ILE B 80 -3.50 6.50 22.06
C ILE B 80 -2.44 7.11 22.94
N SER B 81 -2.11 6.46 24.05
CA SER B 81 -1.06 6.99 24.92
C SER B 81 0.30 6.33 24.60
N ARG B 82 1.41 7.02 24.90
CA ARG B 82 2.79 6.52 24.63
C ARG B 82 2.95 5.95 23.23
N VAL B 83 2.58 6.75 22.23
CA VAL B 83 2.64 6.37 20.82
C VAL B 83 4.01 5.78 20.42
N GLU B 84 4.00 4.60 19.80
CA GLU B 84 5.22 3.91 19.35
C GLU B 84 5.40 4.12 17.88
N ALA B 85 6.63 4.00 17.41
CA ALA B 85 6.91 4.11 15.97
C ALA B 85 6.06 3.09 15.14
N GLU B 86 5.75 1.96 15.75
CA GLU B 86 4.98 0.88 15.14
C GLU B 86 3.50 1.23 14.94
N ASP B 87 3.00 2.31 15.55
CA ASP B 87 1.58 2.75 15.41
C ASP B 87 1.24 3.44 14.12
N VAL B 88 2.20 3.63 13.21
CA VAL B 88 1.90 4.23 11.90
C VAL B 88 0.85 3.42 11.14
N GLY B 89 -0.06 4.14 10.50
CA GLY B 89 -1.16 3.52 9.79
C GLY B 89 -2.31 4.51 9.71
N VAL B 90 -3.40 4.05 9.16
CA VAL B 90 -4.61 4.84 9.00
C VAL B 90 -5.67 4.34 9.96
N TYR B 91 -6.29 5.26 10.72
CA TYR B 91 -7.32 4.92 11.69
C TYR B 91 -8.67 5.37 11.16
N TYR B 92 -9.63 4.46 11.12
CA TYR B 92 -10.96 4.73 10.61
C TYR B 92 -12.02 4.54 11.68
N CYS B 93 -13.08 5.35 11.64
CA CYS B 93 -14.23 5.07 12.47
C CYS B 93 -15.29 4.47 11.53
N MET B 94 -16.22 3.72 12.08
CA MET B 94 -17.34 3.18 11.31
CA MET B 94 -17.34 3.17 11.31
C MET B 94 -18.58 3.09 12.20
N GLN B 95 -19.75 3.46 11.67
CA GLN B 95 -20.99 3.31 12.41
C GLN B 95 -21.69 2.03 11.98
N HIS B 96 -22.27 1.33 12.94
CA HIS B 96 -23.07 0.14 12.61
C HIS B 96 -24.43 0.18 13.33
N LEU B 97 -24.96 1.39 13.51
CA LEU B 97 -26.30 1.55 14.08
C LEU B 97 -27.36 1.24 12.99
N GLU B 98 -27.18 1.77 11.76
CA GLU B 98 -28.19 1.59 10.69
C GLU B 98 -27.56 1.21 9.36
N TYR B 99 -28.33 0.56 8.48
CA TYR B 99 -27.84 0.29 7.13
C TYR B 99 -28.09 1.55 6.29
N PRO B 100 -27.19 1.86 5.35
CA PRO B 100 -25.91 1.19 5.11
C PRO B 100 -24.87 1.58 6.17
N TYR B 101 -24.01 0.63 6.55
CA TYR B 101 -22.90 0.95 7.45
C TYR B 101 -21.96 1.91 6.73
N THR B 102 -21.41 2.89 7.45
CA THR B 102 -20.58 3.91 6.84
C THR B 102 -19.31 4.16 7.60
N PHE B 103 -18.26 4.51 6.88
CA PHE B 103 -16.94 4.78 7.43
C PHE B 103 -16.58 6.24 7.34
N GLY B 104 -15.73 6.68 8.26
CA GLY B 104 -15.06 7.96 8.18
C GLY B 104 -13.94 7.84 7.14
N SER B 105 -13.41 8.98 6.71
CA SER B 105 -12.45 9.01 5.63
C SER B 105 -11.03 8.58 6.04
N GLY B 106 -10.79 8.36 7.34
CA GLY B 106 -9.50 7.90 7.85
C GLY B 106 -8.62 9.04 8.28
N THR B 107 -7.83 8.78 9.35
CA THR B 107 -6.82 9.68 9.84
C THR B 107 -5.49 8.94 9.91
N ARG B 108 -4.50 9.40 9.12
CA ARG B 108 -3.17 8.76 9.16
C ARG B 108 -2.38 9.24 10.38
N LEU B 109 -1.73 8.33 11.09
CA LEU B 109 -0.88 8.70 12.22
C LEU B 109 0.54 8.81 11.63
N GLU B 110 1.14 10.00 11.77
CA GLU B 110 2.48 10.25 11.30
CA GLU B 110 2.47 10.33 11.29
C GLU B 110 3.41 10.38 12.49
N ILE B 111 4.50 9.61 12.47
CA ILE B 111 5.46 9.64 13.56
C ILE B 111 6.44 10.78 13.33
N LYS B 112 6.49 11.71 14.29
CA LYS B 112 7.40 12.82 14.18
C LYS B 112 8.72 12.42 14.78
N ARG B 113 9.71 12.22 13.94
CA ARG B 113 11.04 11.85 14.40
C ARG B 113 12.00 13.03 14.14
N THR B 114 13.29 12.86 14.46
CA THR B 114 14.28 13.90 14.16
C THR B 114 14.36 14.08 12.64
N VAL B 115 14.55 15.32 12.19
CA VAL B 115 14.77 15.60 10.78
C VAL B 115 16.06 14.90 10.32
N ALA B 116 15.96 14.15 9.19
CA ALA B 116 17.10 13.45 8.64
C ALA B 116 17.21 13.69 7.14
N ALA B 117 18.38 14.12 6.68
CA ALA B 117 18.64 14.34 5.26
C ALA B 117 18.72 12.99 4.54
N PRO B 118 18.31 12.90 3.27
CA PRO B 118 18.48 11.62 2.55
C PRO B 118 19.93 11.31 2.21
N SER B 119 20.24 10.01 2.09
CA SER B 119 21.49 9.51 1.56
C SER B 119 21.15 9.35 0.06
N VAL B 120 21.86 10.07 -0.79
CA VAL B 120 21.54 10.10 -2.23
C VAL B 120 22.47 9.20 -3.05
N PHE B 121 21.89 8.36 -3.91
CA PHE B 121 22.64 7.44 -4.75
C PHE B 121 22.14 7.56 -6.18
N ILE B 122 23.04 7.50 -7.17
CA ILE B 122 22.61 7.56 -8.57
C ILE B 122 23.07 6.30 -9.32
N PHE B 123 22.17 5.73 -10.12
CA PHE B 123 22.45 4.55 -10.92
C PHE B 123 22.28 4.83 -12.38
N PRO B 124 23.34 4.59 -13.17
CA PRO B 124 23.19 4.68 -14.63
C PRO B 124 22.34 3.50 -15.17
N PRO B 125 21.85 3.61 -16.42
CA PRO B 125 21.16 2.46 -17.02
C PRO B 125 22.13 1.30 -17.21
N SER B 126 21.63 0.09 -17.03
CA SER B 126 22.44 -1.11 -17.21
C SER B 126 22.72 -1.34 -18.70
N ASP B 127 23.84 -2.01 -19.04
CA ASP B 127 24.11 -2.35 -20.45
C ASP B 127 22.98 -3.26 -21.01
N GLU B 128 22.41 -4.12 -20.14
CA GLU B 128 21.31 -5.03 -20.44
C GLU B 128 20.12 -4.21 -21.00
N GLN B 129 19.72 -3.14 -20.30
CA GLN B 129 18.62 -2.30 -20.76
C GLN B 129 18.96 -1.49 -22.01
N LEU B 130 20.18 -0.97 -22.13
CA LEU B 130 20.61 -0.20 -23.30
C LEU B 130 20.47 -0.99 -24.59
N LYS B 131 20.85 -2.28 -24.58
CA LYS B 131 20.66 -3.20 -25.70
C LYS B 131 19.20 -3.22 -26.19
N SER B 132 18.23 -3.10 -25.28
CA SER B 132 16.82 -3.12 -25.63
C SER B 132 16.28 -1.80 -26.24
N GLY B 133 17.09 -0.73 -26.23
CA GLY B 133 16.69 0.54 -26.83
C GLY B 133 16.21 1.63 -25.91
N THR B 134 16.23 1.39 -24.59
CA THR B 134 15.76 2.37 -23.61
C THR B 134 16.76 2.56 -22.49
N ALA B 135 16.72 3.71 -21.83
CA ALA B 135 17.61 3.99 -20.72
C ALA B 135 16.79 4.55 -19.57
N SER B 136 16.98 3.98 -18.39
CA SER B 136 16.38 4.44 -17.14
C SER B 136 17.49 4.83 -16.18
N VAL B 137 17.51 6.09 -15.77
CA VAL B 137 18.50 6.60 -14.84
C VAL B 137 17.75 6.77 -13.52
N VAL B 138 18.24 6.13 -12.47
CA VAL B 138 17.56 6.09 -11.19
C VAL B 138 18.32 6.84 -10.12
N CYS B 139 17.62 7.70 -9.38
CA CYS B 139 18.19 8.45 -8.27
C CYS B 139 17.44 7.97 -7.00
N LEU B 140 18.18 7.46 -6.04
CA LEU B 140 17.65 6.99 -4.78
C LEU B 140 17.89 7.99 -3.64
N LEU B 141 16.84 8.33 -2.89
CA LEU B 141 16.93 9.19 -1.70
C LEU B 141 16.55 8.23 -0.55
N ASN B 142 17.51 7.91 0.32
CA ASN B 142 17.27 6.88 1.33
C ASN B 142 17.10 7.40 2.76
N ASN B 143 16.11 6.85 3.49
CA ASN B 143 15.90 7.03 4.94
C ASN B 143 15.96 8.49 5.40
N PHE B 144 15.03 9.30 4.90
CA PHE B 144 14.96 10.72 5.23
C PHE B 144 13.64 11.03 5.96
N TYR B 145 13.61 12.21 6.60
CA TYR B 145 12.41 12.72 7.27
C TYR B 145 12.55 14.25 7.33
N PRO B 146 11.51 15.04 7.00
CA PRO B 146 10.14 14.65 6.58
C PRO B 146 10.01 14.09 5.17
N ARG B 147 8.78 13.66 4.82
CA ARG B 147 8.44 13.04 3.55
C ARG B 147 8.76 13.92 2.34
N GLU B 148 8.56 15.23 2.48
CA GLU B 148 8.72 16.21 1.40
C GLU B 148 10.17 16.33 0.93
N ALA B 149 10.44 16.03 -0.35
CA ALA B 149 11.78 16.11 -0.92
C ALA B 149 11.61 16.36 -2.42
N LYS B 150 12.33 17.35 -2.96
CA LYS B 150 12.23 17.64 -4.39
C LYS B 150 13.43 17.10 -5.14
N VAL B 151 13.19 16.49 -6.30
CA VAL B 151 14.28 15.98 -7.12
C VAL B 151 14.27 16.66 -8.49
N GLN B 152 15.39 17.21 -8.92
CA GLN B 152 15.53 17.83 -10.23
C GLN B 152 16.62 17.09 -10.99
N TRP B 153 16.37 16.78 -12.26
CA TRP B 153 17.36 16.13 -13.11
C TRP B 153 18.06 17.14 -13.99
N LYS B 154 19.36 16.94 -14.21
CA LYS B 154 20.10 17.82 -15.10
C LYS B 154 20.86 16.95 -16.07
N VAL B 155 20.78 17.20 -17.39
CA VAL B 155 21.54 16.45 -18.38
C VAL B 155 22.42 17.45 -19.11
N ASP B 156 23.75 17.29 -18.99
CA ASP B 156 24.75 18.27 -19.46
C ASP B 156 24.44 19.63 -18.82
N ASN B 157 24.12 19.59 -17.51
CA ASN B 157 23.77 20.68 -16.60
C ASN B 157 22.47 21.41 -17.00
N ALA B 158 21.73 20.92 -18.03
CA ALA B 158 20.47 21.50 -18.48
C ALA B 158 19.30 20.89 -17.69
N LEU B 159 18.49 21.75 -17.02
CA LEU B 159 17.36 21.28 -16.21
C LEU B 159 16.33 20.52 -17.04
N GLN B 160 15.96 19.30 -16.59
CA GLN B 160 14.98 18.48 -17.30
C GLN B 160 13.59 18.76 -16.88
N SER B 161 12.64 18.46 -17.76
CA SER B 161 11.22 18.55 -17.42
C SER B 161 10.45 17.51 -18.25
N GLY B 162 9.43 16.94 -17.63
CA GLY B 162 8.50 16.04 -18.30
C GLY B 162 8.93 14.62 -18.55
N ASN B 163 10.13 14.23 -18.07
CA ASN B 163 10.66 12.90 -18.34
C ASN B 163 11.04 12.11 -17.09
N SER B 164 10.50 12.50 -15.92
CA SER B 164 10.80 11.78 -14.69
C SER B 164 9.52 11.29 -13.95
N GLN B 165 9.69 10.33 -13.05
CA GLN B 165 8.59 9.78 -12.29
C GLN B 165 9.08 9.33 -10.94
N GLU B 166 8.36 9.69 -9.88
CA GLU B 166 8.80 9.36 -8.52
C GLU B 166 7.89 8.42 -7.80
N SER B 167 8.46 7.69 -6.87
CA SER B 167 7.73 6.79 -6.01
C SER B 167 8.30 6.92 -4.59
N VAL B 168 7.39 7.00 -3.60
CA VAL B 168 7.78 7.17 -2.20
CA VAL B 168 7.82 7.13 -2.21
C VAL B 168 7.26 5.98 -1.36
N THR B 169 8.05 5.49 -0.39
CA THR B 169 7.62 4.42 0.47
C THR B 169 6.69 4.94 1.62
N GLU B 170 6.01 3.99 2.30
CA GLU B 170 5.24 4.36 3.48
C GLU B 170 6.25 4.57 4.61
N GLN B 171 5.87 5.41 5.61
CA GLN B 171 6.77 5.66 6.74
C GLN B 171 7.18 4.35 7.43
N ASP B 172 8.49 4.14 7.60
CA ASP B 172 9.00 2.92 8.20
C ASP B 172 8.48 2.71 9.62
N SER B 173 8.01 1.47 9.93
CA SER B 173 7.46 1.19 11.27
C SER B 173 8.50 1.10 12.39
N LYS B 174 9.79 1.08 12.04
CA LYS B 174 10.86 0.99 13.04
C LYS B 174 11.64 2.28 13.17
N ASP B 175 12.14 2.86 12.06
CA ASP B 175 12.94 4.09 12.15
C ASP B 175 12.19 5.37 11.74
N SER B 176 10.90 5.25 11.35
CA SER B 176 10.06 6.37 11.00
C SER B 176 10.56 7.24 9.85
N THR B 177 11.34 6.65 8.93
CA THR B 177 11.81 7.39 7.75
C THR B 177 11.03 7.04 6.47
N TYR B 178 11.28 7.81 5.42
CA TYR B 178 10.78 7.56 4.10
C TYR B 178 11.99 7.38 3.16
N SER B 179 11.73 6.72 2.05
CA SER B 179 12.66 6.60 0.94
C SER B 179 11.92 6.95 -0.37
N LEU B 180 12.67 7.46 -1.32
CA LEU B 180 12.10 7.91 -2.58
C LEU B 180 13.00 7.50 -3.73
N SER B 181 12.42 7.17 -4.86
CA SER B 181 13.15 6.93 -6.08
C SER B 181 12.63 7.87 -7.16
N SER B 182 13.53 8.39 -7.98
CA SER B 182 13.17 9.17 -9.15
C SER B 182 13.78 8.45 -10.34
N THR B 183 12.99 8.26 -11.39
CA THR B 183 13.49 7.60 -12.59
C THR B 183 13.35 8.53 -13.79
N LEU B 184 14.48 8.78 -14.48
CA LEU B 184 14.54 9.60 -15.68
C LEU B 184 14.57 8.62 -16.86
N THR B 185 13.57 8.70 -17.75
CA THR B 185 13.50 7.75 -18.89
C THR B 185 13.75 8.45 -20.23
N LEU B 186 14.76 7.96 -20.96
CA LEU B 186 15.13 8.44 -22.28
C LEU B 186 15.24 7.23 -23.21
N SER B 187 15.28 7.49 -24.54
CA SER B 187 15.55 6.43 -25.49
C SER B 187 17.09 6.24 -25.41
N LYS B 188 17.60 5.11 -25.92
CA LYS B 188 19.03 4.84 -25.91
C LYS B 188 19.73 5.88 -26.80
N ALA B 189 19.13 6.20 -27.97
CA ALA B 189 19.76 7.16 -28.89
C ALA B 189 19.92 8.53 -28.24
N ASP B 190 18.88 9.04 -27.56
CA ASP B 190 18.99 10.32 -26.85
C ASP B 190 19.92 10.22 -25.63
N TYR B 191 19.90 9.08 -24.91
CA TYR B 191 20.80 8.87 -23.76
C TYR B 191 22.28 8.97 -24.19
N GLU B 192 22.59 8.46 -25.38
CA GLU B 192 23.96 8.47 -25.88
C GLU B 192 24.43 9.80 -26.51
N LYS B 193 23.53 10.79 -26.65
CA LYS B 193 23.94 12.13 -27.14
C LYS B 193 24.42 13.05 -26.00
N HIS B 194 24.42 12.56 -24.73
CA HIS B 194 24.78 13.40 -23.59
C HIS B 194 25.82 12.75 -22.72
N LYS B 195 26.56 13.53 -21.97
CA LYS B 195 27.66 13.02 -21.17
C LYS B 195 27.38 12.98 -19.68
N VAL B 196 26.89 14.09 -19.14
CA VAL B 196 26.71 14.24 -17.70
C VAL B 196 25.25 14.11 -17.28
N TYR B 197 24.97 13.20 -16.34
CA TYR B 197 23.64 12.98 -15.80
C TYR B 197 23.72 13.26 -14.30
N ALA B 198 22.84 14.10 -13.78
CA ALA B 198 22.85 14.43 -12.35
C ALA B 198 21.46 14.54 -11.76
N CYS B 199 21.30 14.18 -10.48
CA CYS B 199 20.06 14.42 -9.76
C CYS B 199 20.39 15.31 -8.59
N GLU B 200 19.59 16.35 -8.44
CA GLU B 200 19.78 17.38 -7.43
C GLU B 200 18.62 17.33 -6.48
N VAL B 201 18.93 17.18 -5.20
CA VAL B 201 17.94 16.94 -4.16
C VAL B 201 17.80 18.10 -3.19
N THR B 202 16.56 18.55 -2.96
CA THR B 202 16.22 19.62 -2.03
C THR B 202 15.45 18.99 -0.85
N HIS B 203 15.90 19.22 0.38
CA HIS B 203 15.25 18.64 1.56
C HIS B 203 15.51 19.50 2.80
N GLN B 204 14.54 19.53 3.74
CA GLN B 204 14.67 20.28 5.00
C GLN B 204 15.98 19.99 5.78
N GLY B 205 16.52 18.79 5.68
CA GLY B 205 17.75 18.42 6.38
C GLY B 205 19.03 18.86 5.70
N LEU B 206 18.92 19.47 4.50
CA LEU B 206 20.06 19.94 3.72
C LEU B 206 20.10 21.48 3.70
N SER B 207 21.27 22.10 4.00
CA SER B 207 21.35 23.57 3.98
C SER B 207 21.32 24.14 2.56
N SER B 208 21.86 23.37 1.60
CA SER B 208 21.90 23.64 0.17
C SER B 208 21.64 22.32 -0.58
N PRO B 209 21.07 22.37 -1.80
CA PRO B 209 20.80 21.12 -2.53
C PRO B 209 22.02 20.23 -2.76
N VAL B 210 21.83 18.91 -2.67
CA VAL B 210 22.87 17.89 -2.87
C VAL B 210 22.81 17.38 -4.31
N THR B 211 23.97 17.21 -4.95
CA THR B 211 23.98 16.68 -6.32
C THR B 211 24.75 15.40 -6.40
N LYS B 212 24.16 14.35 -7.01
CA LYS B 212 24.85 13.10 -7.30
C LYS B 212 24.88 13.04 -8.81
N SER B 213 26.01 12.61 -9.36
CA SER B 213 26.14 12.55 -10.81
C SER B 213 27.08 11.48 -11.29
N PHE B 214 27.01 11.20 -12.59
CA PHE B 214 27.97 10.35 -13.23
C PHE B 214 28.24 10.87 -14.65
N ASN B 215 29.37 10.41 -15.24
CA ASN B 215 29.72 10.72 -16.62
C ASN B 215 29.51 9.41 -17.39
N ARG B 216 28.68 9.45 -18.45
CA ARG B 216 28.38 8.28 -19.28
C ARG B 216 29.69 7.71 -19.84
N GLY B 217 29.91 6.41 -19.66
CA GLY B 217 31.16 5.77 -20.08
C GLY B 217 32.15 5.51 -18.96
N GLU B 218 31.90 6.04 -17.75
CA GLU B 218 32.77 5.81 -16.60
C GLU B 218 32.20 4.72 -15.70
C1 EDO C . 27.00 -16.82 -7.23
O1 EDO C . 27.68 -15.61 -6.86
C2 EDO C . 26.87 -16.84 -8.71
O2 EDO C . 28.18 -16.94 -9.24
C1 EDO D . 9.99 3.63 -11.82
O1 EDO D . 9.38 4.32 -10.72
C2 EDO D . 10.65 2.41 -11.26
O2 EDO D . 11.87 2.78 -10.61
C1 EDO E . -17.10 -4.10 9.55
O1 EDO E . -18.49 -4.14 9.84
C2 EDO E . -16.56 -5.47 9.24
O2 EDO E . -16.93 -6.40 10.25
N1 EPE F . -13.17 -12.66 19.73
C2 EPE F . -11.90 -12.42 18.96
C3 EPE F . -10.88 -13.47 19.37
N4 EPE F . -10.61 -13.35 20.84
C5 EPE F . -11.88 -13.56 21.62
C6 EPE F . -12.91 -12.53 21.20
C7 EPE F . -9.53 -14.29 21.29
C8 EPE F . -8.19 -13.99 20.66
O8 EPE F . -7.83 -12.64 20.88
C9 EPE F . -14.28 -11.76 19.26
C10 EPE F . -14.85 -12.23 17.93
S EPE F . -15.99 -11.02 17.33
O1S EPE F . -16.21 -11.33 15.93
O2S EPE F . -15.41 -9.73 17.57
O3S EPE F . -17.23 -11.21 18.11
NA NA G . -28.28 -6.11 -5.49
N1 EPE H . -29.79 -2.67 11.88
C2 EPE H . -30.80 -3.54 12.56
C3 EPE H . -30.19 -4.15 13.81
N4 EPE H . -28.98 -4.95 13.42
C5 EPE H . -27.97 -4.07 12.74
C6 EPE H . -28.59 -3.47 11.49
C7 EPE H . -28.44 -5.68 14.64
C8 EPE H . -27.06 -6.29 14.46
O8 EPE H . -26.09 -5.48 15.13
C9 EPE H . -30.34 -1.90 10.70
C10 EPE H . -31.82 -1.59 10.69
S EPE H . -32.07 -0.10 9.79
O1S EPE H . -33.45 -0.08 9.38
O2S EPE H . -31.11 -0.10 8.70
O3S EPE H . -31.79 1.01 10.75
C1 EDO I . -28.72 -2.56 16.59
O1 EDO I . -28.66 -3.47 17.67
C2 EDO I . -27.39 -1.93 16.31
O2 EDO I . -27.21 -1.84 14.91
#